data_3NUS
#
_entry.id   3NUS
#
_cell.length_a   123.497
_cell.length_b   123.497
_cell.length_c   47.087
_cell.angle_alpha   90.00
_cell.angle_beta   90.00
_cell.angle_gamma   120.00
#
_symmetry.space_group_name_H-M   'P 32 2 1'
#
loop_
_entity.id
_entity.type
_entity.pdbx_description
1 polymer 'phosphoinositide-dependent kinase-1'
2 non-polymer GLYCEROL
3 non-polymer 1H-indazol-3-amine
4 non-polymer 'SULFATE ION'
5 water water
#
_entity_poly.entity_id   1
_entity_poly.type   'polypeptide(L)'
_entity_poly.pdbx_seq_one_letter_code
;QPRKKRPEDFKFGKILGEGSFSTVVLARELATSREYAIKILEKRHIIKENKVPYVTRERDVMSRLDHPFFVKLYFTFQDD
EKLYFGLSYAKNGELLKYIRKIGSFDETCTRFYTAEIVSALEYLHGKGIIHRDLKPENILLNEDMHIQITDFGTAKVLSP
ESKQARAN(SEP)FVGTAQYVSPELLTEKSACKSSDLWALGCIIYQLVAGLPPFRAGNEYLIFQKIIKLEYDFPEKFFPK
ARDLVEKLLVLDATKRLGCEEMEGYGPLKAHPFFESVTWENLHQQTPPKL
;
_entity_poly.pdbx_strand_id   A
#
# COMPACT_ATOMS: atom_id res chain seq x y z
N GLN A 1 29.98 4.73 1.43
CA GLN A 1 29.22 3.56 1.85
C GLN A 1 30.12 2.52 2.51
N PRO A 2 29.62 1.82 3.54
CA PRO A 2 30.35 0.76 4.25
C PRO A 2 30.62 -0.46 3.37
N ARG A 3 31.42 -1.40 3.87
CA ARG A 3 31.62 -2.67 3.18
C ARG A 3 30.31 -3.44 3.21
N LYS A 4 29.91 -3.98 2.06
CA LYS A 4 28.64 -4.67 1.92
C LYS A 4 28.38 -5.61 3.09
N LYS A 5 27.13 -5.62 3.58
CA LYS A 5 26.77 -6.49 4.69
C LYS A 5 26.60 -7.93 4.22
N ARG A 6 26.45 -8.84 5.17
CA ARG A 6 26.30 -10.25 4.86
C ARG A 6 25.43 -10.94 5.91
N PRO A 7 24.94 -12.15 5.60
CA PRO A 7 24.03 -12.87 6.49
C PRO A 7 24.59 -13.04 7.90
N GLU A 8 25.89 -13.27 8.02
CA GLU A 8 26.50 -13.53 9.32
C GLU A 8 26.54 -12.29 10.20
N ASP A 9 26.15 -11.16 9.64
CA ASP A 9 26.07 -9.91 10.40
C ASP A 9 24.78 -9.88 11.20
N PHE A 10 23.92 -10.86 10.94
CA PHE A 10 22.57 -10.86 11.49
C PHE A 10 22.21 -12.09 12.30
N LYS A 11 21.38 -11.87 13.31
CA LYS A 11 20.68 -12.93 13.98
C LYS A 11 19.27 -12.96 13.40
N PHE A 12 18.97 -13.96 12.59
CA PHE A 12 17.64 -14.07 12.01
C PHE A 12 16.63 -14.64 12.99
N GLY A 13 15.39 -14.17 12.89
CA GLY A 13 14.33 -14.62 13.77
C GLY A 13 13.08 -14.97 13.00
N LYS A 14 11.93 -14.55 13.52
CA LYS A 14 10.64 -14.98 12.96
C LYS A 14 10.38 -14.51 11.53
N ILE A 15 9.58 -15.29 10.82
CA ILE A 15 9.13 -14.93 9.49
C ILE A 15 8.02 -13.88 9.58
N LEU A 16 8.18 -12.78 8.87
CA LEU A 16 7.21 -11.67 8.90
C LEU A 16 6.20 -11.75 7.76
N GLY A 17 6.58 -12.39 6.66
CA GLY A 17 5.71 -12.50 5.51
C GLY A 17 6.24 -13.44 4.46
N GLU A 18 5.33 -14.10 3.75
CA GLU A 18 5.71 -15.05 2.71
C GLU A 18 4.97 -14.77 1.42
N GLY A 19 5.70 -14.68 0.33
CA GLY A 19 5.10 -14.61 -0.99
C GLY A 19 5.59 -15.75 -1.86
N SER A 20 5.22 -15.71 -3.14
CA SER A 20 5.62 -16.75 -4.07
C SER A 20 7.13 -16.69 -4.33
N PHE A 21 7.66 -15.47 -4.40
CA PHE A 21 9.06 -15.27 -4.79
C PHE A 21 9.92 -14.69 -3.69
N SER A 22 9.37 -14.56 -2.49
CA SER A 22 10.12 -13.97 -1.39
C SER A 22 9.62 -14.41 -0.02
N THR A 23 10.51 -14.36 0.96
CA THR A 23 10.12 -14.48 2.36
C THR A 23 10.71 -13.28 3.08
N VAL A 24 9.94 -12.66 3.97
CA VAL A 24 10.48 -11.61 4.80
C VAL A 24 10.74 -12.11 6.22
N VAL A 25 11.95 -11.91 6.70
CA VAL A 25 12.37 -12.43 8.00
C VAL A 25 12.90 -11.33 8.88
N LEU A 26 12.33 -11.20 10.08
CA LEU A 26 12.85 -10.27 11.07
C LEU A 26 14.27 -10.67 11.44
N ALA A 27 15.18 -9.70 11.48
CA ALA A 27 16.57 -9.98 11.77
C ALA A 27 17.20 -8.87 12.59
N ARG A 28 18.05 -9.24 13.56
CA ARG A 28 18.72 -8.26 14.38
C ARG A 28 20.18 -8.14 14.00
N GLU A 29 20.58 -6.95 13.56
CA GLU A 29 21.99 -6.69 13.25
C GLU A 29 22.83 -6.72 14.52
N LEU A 30 23.89 -7.53 14.53
CA LEU A 30 24.67 -7.74 15.74
C LEU A 30 25.48 -6.51 16.20
N ALA A 31 26.15 -5.85 15.28
CA ALA A 31 26.96 -4.68 15.64
C ALA A 31 26.16 -3.53 16.24
N THR A 32 24.88 -3.41 15.86
CA THR A 32 24.10 -2.22 16.18
C THR A 32 22.87 -2.50 17.03
N SER A 33 22.50 -3.78 17.10
CA SER A 33 21.28 -4.22 17.80
C SER A 33 19.98 -3.74 17.10
N ARG A 34 20.11 -3.27 15.87
CA ARG A 34 18.96 -2.76 15.11
C ARG A 34 18.13 -3.87 14.48
N GLU A 35 16.81 -3.73 14.52
CA GLU A 35 15.92 -4.69 13.90
C GLU A 35 15.52 -4.28 12.48
N TYR A 36 15.91 -5.06 11.49
CA TYR A 36 15.47 -4.86 10.10
C TYR A 36 14.55 -5.98 9.67
N ALA A 37 13.69 -5.70 8.69
CA ALA A 37 12.91 -6.76 8.05
C ALA A 37 13.58 -7.07 6.73
N ILE A 38 14.24 -8.23 6.65
CA ILE A 38 15.01 -8.58 5.47
C ILE A 38 14.19 -9.45 4.52
N LYS A 39 13.95 -8.91 3.32
CA LYS A 39 13.25 -9.63 2.27
C LYS A 39 14.24 -10.54 1.56
N ILE A 40 13.99 -11.84 1.60
CA ILE A 40 14.89 -12.82 0.99
C ILE A 40 14.31 -13.45 -0.27
N LEU A 41 14.99 -13.27 -1.39
CA LEU A 41 14.54 -13.79 -2.67
C LEU A 41 15.53 -14.79 -3.24
N GLU A 42 15.01 -15.91 -3.74
CA GLU A 42 15.87 -16.95 -4.31
C GLU A 42 16.11 -16.70 -5.80
N LYS A 43 17.37 -16.51 -6.18
CA LYS A 43 17.73 -16.17 -7.54
C LYS A 43 17.21 -17.18 -8.54
N ARG A 44 17.45 -18.46 -8.29
CA ARG A 44 17.02 -19.50 -9.21
C ARG A 44 15.53 -19.37 -9.49
N HIS A 45 14.74 -19.25 -8.42
CA HIS A 45 13.30 -19.20 -8.59
C HIS A 45 12.90 -17.97 -9.42
N ILE A 46 13.60 -16.86 -9.22
CA ILE A 46 13.29 -15.63 -9.94
C ILE A 46 13.62 -15.73 -11.42
N ILE A 47 14.81 -16.25 -11.73
CA ILE A 47 15.22 -16.46 -13.11
C ILE A 47 14.33 -17.47 -13.80
N LYS A 48 14.13 -18.62 -13.15
CA LYS A 48 13.25 -19.67 -13.66
C LYS A 48 11.89 -19.13 -14.10
N GLU A 49 11.34 -18.18 -13.35
CA GLU A 49 9.97 -17.72 -13.58
C GLU A 49 9.88 -16.38 -14.29
N ASN A 50 10.98 -15.92 -14.87
CA ASN A 50 11.03 -14.63 -15.54
C ASN A 50 10.52 -13.48 -14.67
N LYS A 51 11.14 -13.29 -13.52
CA LYS A 51 10.73 -12.23 -12.60
C LYS A 51 11.83 -11.21 -12.37
N VAL A 52 12.97 -11.38 -13.06
CA VAL A 52 14.08 -10.45 -12.89
C VAL A 52 13.67 -8.98 -13.12
N PRO A 53 12.78 -8.74 -14.09
CA PRO A 53 12.37 -7.34 -14.25
C PRO A 53 11.58 -6.85 -13.04
N TYR A 54 10.81 -7.72 -12.42
CA TYR A 54 9.98 -7.33 -11.28
C TYR A 54 10.83 -7.04 -10.05
N VAL A 55 11.81 -7.90 -9.80
CA VAL A 55 12.70 -7.69 -8.67
C VAL A 55 13.58 -6.46 -8.88
N THR A 56 14.04 -6.30 -10.12
CA THR A 56 14.81 -5.12 -10.49
C THR A 56 14.00 -3.84 -10.22
N ARG A 57 12.75 -3.84 -10.67
CA ARG A 57 11.87 -2.69 -10.51
C ARG A 57 11.59 -2.39 -9.03
N GLU A 58 11.34 -3.42 -8.24
CA GLU A 58 11.10 -3.24 -6.81
C GLU A 58 12.25 -2.48 -6.14
N ARG A 59 13.49 -2.89 -6.41
CA ARG A 59 14.64 -2.24 -5.80
C ARG A 59 14.76 -0.79 -6.27
N ASP A 60 14.64 -0.59 -7.57
CA ASP A 60 14.81 0.74 -8.13
C ASP A 60 13.77 1.72 -7.58
N VAL A 61 12.52 1.28 -7.45
CA VAL A 61 11.47 2.12 -6.90
C VAL A 61 11.75 2.45 -5.44
N MET A 62 12.15 1.44 -4.68
CA MET A 62 12.41 1.63 -3.26
C MET A 62 13.62 2.53 -2.99
N SER A 63 14.55 2.57 -3.94
CA SER A 63 15.68 3.48 -3.84
C SER A 63 15.25 4.93 -3.97
N ARG A 64 14.18 5.16 -4.73
CA ARG A 64 13.71 6.50 -5.05
C ARG A 64 12.74 7.07 -4.01
N LEU A 65 12.55 6.35 -2.91
CA LEU A 65 11.55 6.74 -1.91
C LEU A 65 12.20 7.21 -0.63
N ASP A 66 11.96 8.47 -0.27
CA ASP A 66 12.48 9.01 0.97
C ASP A 66 11.39 9.74 1.71
N HIS A 67 10.51 8.97 2.36
CA HIS A 67 9.32 9.53 2.96
C HIS A 67 8.88 8.63 4.12
N PRO A 68 8.45 9.24 5.23
CA PRO A 68 8.06 8.52 6.45
C PRO A 68 6.93 7.52 6.28
N PHE A 69 6.11 7.63 5.23
CA PHE A 69 4.95 6.75 5.10
C PHE A 69 5.26 5.57 4.19
N PHE A 70 6.53 5.39 3.86
CA PHE A 70 6.93 4.29 3.01
C PHE A 70 8.04 3.47 3.64
N VAL A 71 7.99 2.16 3.41
CA VAL A 71 9.04 1.27 3.87
C VAL A 71 10.35 1.72 3.26
N LYS A 72 11.40 1.83 4.07
CA LYS A 72 12.70 2.24 3.58
C LYS A 72 13.56 1.03 3.22
N LEU A 73 14.33 1.15 2.16
CA LEU A 73 15.34 0.14 1.86
C LEU A 73 16.69 0.65 2.36
N TYR A 74 17.23 -0.01 3.38
CA TYR A 74 18.48 0.43 4.00
C TYR A 74 19.72 -0.13 3.33
N PHE A 75 19.64 -1.36 2.84
CA PHE A 75 20.80 -2.03 2.25
C PHE A 75 20.39 -3.23 1.41
N THR A 76 21.33 -3.72 0.63
CA THR A 76 21.13 -4.95 -0.13
C THR A 76 22.45 -5.70 -0.19
N PHE A 77 22.38 -7.03 -0.14
CA PHE A 77 23.53 -7.85 -0.41
C PHE A 77 23.06 -9.18 -0.99
N GLN A 78 24.00 -10.03 -1.37
CA GLN A 78 23.63 -11.34 -1.88
C GLN A 78 24.70 -12.39 -1.62
N ASP A 79 24.27 -13.63 -1.52
CA ASP A 79 25.19 -14.75 -1.51
C ASP A 79 25.01 -15.55 -2.81
N ASP A 80 25.28 -16.85 -2.75
CA ASP A 80 25.24 -17.68 -3.95
C ASP A 80 23.82 -17.93 -4.45
N GLU A 81 22.90 -18.15 -3.51
CA GLU A 81 21.55 -18.54 -3.86
C GLU A 81 20.52 -17.41 -3.77
N LYS A 82 20.76 -16.44 -2.88
CA LYS A 82 19.71 -15.50 -2.50
C LYS A 82 20.07 -14.00 -2.51
N LEU A 83 19.04 -13.18 -2.71
CA LEU A 83 19.14 -11.72 -2.58
C LEU A 83 18.57 -11.29 -1.24
N TYR A 84 19.14 -10.25 -0.65
CA TYR A 84 18.66 -9.74 0.64
C TYR A 84 18.39 -8.26 0.57
N PHE A 85 17.17 -7.85 0.94
CA PHE A 85 16.84 -6.43 1.02
C PHE A 85 16.55 -6.03 2.45
N GLY A 86 17.38 -5.15 3.00
CA GLY A 86 17.15 -4.66 4.36
C GLY A 86 16.08 -3.59 4.39
N LEU A 87 14.90 -3.94 4.89
CA LEU A 87 13.75 -3.05 4.90
C LEU A 87 13.42 -2.53 6.31
N SER A 88 12.73 -1.40 6.37
CA SER A 88 12.14 -0.93 7.62
C SER A 88 11.30 -2.03 8.25
N TYR A 89 11.28 -2.10 9.57
CA TYR A 89 10.48 -3.07 10.29
C TYR A 89 9.26 -2.40 10.93
N ALA A 90 8.09 -2.74 10.42
CA ALA A 90 6.84 -2.22 10.97
C ALA A 90 6.35 -3.13 12.09
N LYS A 91 6.67 -2.75 13.33
CA LYS A 91 6.41 -3.55 14.51
C LYS A 91 4.94 -3.98 14.68
N ASN A 92 4.01 -3.09 14.32
CA ASN A 92 2.59 -3.33 14.59
C ASN A 92 1.79 -4.03 13.49
N GLY A 93 2.48 -4.48 12.45
CA GLY A 93 1.86 -5.31 11.44
C GLY A 93 0.97 -4.63 10.42
N GLU A 94 0.01 -5.37 9.90
CA GLU A 94 -0.85 -4.90 8.82
C GLU A 94 -2.03 -4.11 9.33
N LEU A 95 -2.54 -3.22 8.49
CA LEU A 95 -3.72 -2.43 8.81
C LEU A 95 -4.95 -3.33 8.85
N LEU A 96 -4.93 -4.37 8.01
CA LEU A 96 -6.01 -5.33 7.96
C LEU A 96 -6.25 -5.94 9.33
N LYS A 97 -5.16 -6.20 10.05
CA LYS A 97 -5.22 -6.80 11.38
C LYS A 97 -6.06 -5.95 12.31
N TYR A 98 -5.92 -4.64 12.21
CA TYR A 98 -6.68 -3.73 13.07
C TYR A 98 -8.13 -3.60 12.64
N ILE A 99 -8.37 -3.69 11.34
CA ILE A 99 -9.74 -3.66 10.82
C ILE A 99 -10.51 -4.84 11.39
N ARG A 100 -9.90 -6.02 11.34
CA ARG A 100 -10.50 -7.23 11.91
C ARG A 100 -10.60 -7.18 13.42
N LYS A 101 -9.57 -6.64 14.06
CA LYS A 101 -9.51 -6.58 15.51
C LYS A 101 -10.66 -5.78 16.09
N ILE A 102 -10.86 -4.57 15.57
CA ILE A 102 -11.89 -3.68 16.11
C ILE A 102 -13.15 -3.62 15.24
N GLY A 103 -13.16 -4.37 14.14
CA GLY A 103 -14.35 -4.47 13.31
C GLY A 103 -14.49 -3.39 12.25
N SER A 104 -14.46 -2.13 12.68
CA SER A 104 -14.50 -1.01 11.75
C SER A 104 -14.08 0.26 12.49
N PHE A 105 -13.48 1.20 11.75
CA PHE A 105 -12.96 2.42 12.35
C PHE A 105 -14.08 3.44 12.55
N ASP A 106 -13.88 4.33 13.52
CA ASP A 106 -14.80 5.46 13.68
C ASP A 106 -14.32 6.60 12.79
N GLU A 107 -15.01 7.74 12.84
CA GLU A 107 -14.73 8.84 11.92
C GLU A 107 -13.34 9.46 12.10
N THR A 108 -12.91 9.63 13.35
CA THR A 108 -11.60 10.20 13.62
C THR A 108 -10.47 9.34 13.08
N CYS A 109 -10.47 8.07 13.45
CA CYS A 109 -9.43 7.14 13.00
C CYS A 109 -9.45 7.00 11.48
N THR A 110 -10.65 6.87 10.93
CA THR A 110 -10.82 6.80 9.49
C THR A 110 -10.23 8.05 8.82
N ARG A 111 -10.60 9.22 9.35
CA ARG A 111 -10.12 10.47 8.80
C ARG A 111 -8.60 10.55 8.86
N PHE A 112 -8.03 10.20 10.02
CA PHE A 112 -6.59 10.29 10.19
C PHE A 112 -5.83 9.33 9.25
N TYR A 113 -6.20 8.05 9.28
CA TYR A 113 -5.48 7.07 8.50
C TYR A 113 -5.69 7.19 7.00
N THR A 114 -6.85 7.69 6.61
CA THR A 114 -7.11 7.94 5.20
C THR A 114 -6.25 9.10 4.72
N ALA A 115 -6.18 10.15 5.53
CA ALA A 115 -5.33 11.29 5.24
C ALA A 115 -3.85 10.91 5.08
N GLU A 116 -3.34 10.03 5.93
CA GLU A 116 -1.97 9.53 5.76
C GLU A 116 -1.81 8.80 4.43
N ILE A 117 -2.80 8.00 4.07
CA ILE A 117 -2.72 7.26 2.82
C ILE A 117 -2.77 8.20 1.62
N VAL A 118 -3.63 9.22 1.71
CA VAL A 118 -3.73 10.24 0.66
C VAL A 118 -2.41 10.97 0.52
N SER A 119 -1.87 11.40 1.66
CA SER A 119 -0.60 12.10 1.71
C SER A 119 0.53 11.26 1.08
N ALA A 120 0.54 9.97 1.41
CA ALA A 120 1.53 9.03 0.89
C ALA A 120 1.40 8.83 -0.61
N LEU A 121 0.16 8.70 -1.09
CA LEU A 121 -0.09 8.59 -2.53
C LEU A 121 0.34 9.85 -3.28
N GLU A 122 0.09 11.01 -2.69
CA GLU A 122 0.51 12.24 -3.31
C GLU A 122 2.01 12.22 -3.54
N TYR A 123 2.76 11.77 -2.55
CA TYR A 123 4.20 11.69 -2.69
C TYR A 123 4.60 10.68 -3.76
N LEU A 124 4.01 9.48 -3.67
CA LEU A 124 4.33 8.44 -4.62
C LEU A 124 4.05 8.91 -6.05
N HIS A 125 2.87 9.47 -6.25
CA HIS A 125 2.47 9.88 -7.58
C HIS A 125 3.27 11.08 -8.09
N GLY A 126 3.72 11.93 -7.18
CA GLY A 126 4.58 13.03 -7.55
C GLY A 126 5.84 12.54 -8.21
N LYS A 127 6.28 11.34 -7.84
CA LYS A 127 7.51 10.77 -8.40
C LYS A 127 7.23 9.91 -9.63
N GLY A 128 6.02 9.99 -10.14
CA GLY A 128 5.65 9.25 -11.33
C GLY A 128 5.59 7.75 -11.11
N ILE A 129 5.25 7.34 -9.89
CA ILE A 129 5.25 5.94 -9.54
C ILE A 129 3.85 5.48 -9.15
N ILE A 130 3.47 4.33 -9.68
CA ILE A 130 2.17 3.73 -9.39
C ILE A 130 2.38 2.45 -8.60
N HIS A 131 1.60 2.26 -7.54
CA HIS A 131 1.72 1.06 -6.71
C HIS A 131 1.10 -0.15 -7.41
N ARG A 132 -0.17 -0.04 -7.80
CA ARG A 132 -0.86 -1.06 -8.60
C ARG A 132 -1.43 -2.23 -7.80
N ASP A 133 -1.15 -2.27 -6.50
CA ASP A 133 -1.69 -3.32 -5.66
C ASP A 133 -1.84 -2.83 -4.22
N LEU A 134 -2.40 -1.64 -4.07
CA LEU A 134 -2.61 -1.04 -2.78
C LEU A 134 -3.73 -1.78 -2.07
N LYS A 135 -3.61 -1.94 -0.76
CA LYS A 135 -4.60 -2.69 0.04
C LYS A 135 -4.13 -2.73 1.48
N PRO A 136 -5.05 -3.00 2.42
CA PRO A 136 -4.75 -2.98 3.85
C PRO A 136 -3.61 -3.93 4.26
N GLU A 137 -3.35 -4.97 3.47
CA GLU A 137 -2.27 -5.90 3.77
C GLU A 137 -0.91 -5.26 3.48
N ASN A 138 -0.88 -4.38 2.47
CA ASN A 138 0.33 -3.67 2.08
C ASN A 138 0.57 -2.39 2.87
N ILE A 139 -0.37 -2.06 3.75
CA ILE A 139 -0.27 -0.84 4.54
C ILE A 139 0.06 -1.21 5.98
N LEU A 140 1.34 -1.13 6.31
CA LEU A 140 1.81 -1.58 7.61
C LEU A 140 1.69 -0.46 8.62
N LEU A 141 1.79 -0.83 9.90
CA LEU A 141 1.73 0.15 10.96
C LEU A 141 3.00 0.12 11.79
N ASN A 142 3.63 1.27 11.91
CA ASN A 142 4.88 1.38 12.64
C ASN A 142 4.65 1.26 14.13
N GLU A 143 5.74 1.20 14.88
CA GLU A 143 5.69 1.10 16.34
C GLU A 143 4.85 2.23 16.92
N ASP A 144 4.93 3.39 16.29
CA ASP A 144 4.24 4.59 16.75
C ASP A 144 2.85 4.71 16.11
N MET A 145 2.48 3.70 15.34
CA MET A 145 1.15 3.60 14.74
C MET A 145 0.89 4.51 13.54
N HIS A 146 1.96 5.02 12.93
CA HIS A 146 1.84 5.68 11.62
C HIS A 146 1.98 4.61 10.53
N ILE A 147 1.43 4.86 9.35
CA ILE A 147 1.48 3.88 8.27
C ILE A 147 2.84 3.81 7.59
N GLN A 148 3.17 2.63 7.11
CA GLN A 148 4.32 2.44 6.23
C GLN A 148 3.86 1.56 5.09
N ILE A 149 3.82 2.11 3.90
CA ILE A 149 3.33 1.38 2.74
C ILE A 149 4.46 0.55 2.15
N THR A 150 4.15 -0.71 1.83
CA THR A 150 5.18 -1.63 1.35
C THR A 150 4.74 -2.45 0.13
N ASP A 151 5.63 -3.35 -0.29
CA ASP A 151 5.39 -4.25 -1.43
C ASP A 151 5.33 -3.51 -2.76
N PHE A 152 6.51 -3.18 -3.29
CA PHE A 152 6.61 -2.42 -4.53
C PHE A 152 7.07 -3.28 -5.69
N GLY A 153 7.02 -4.59 -5.51
CA GLY A 153 7.34 -5.52 -6.57
C GLY A 153 6.48 -5.29 -7.80
N THR A 154 5.18 -5.08 -7.57
CA THR A 154 4.22 -4.91 -8.66
C THR A 154 4.15 -3.47 -9.20
N ALA A 155 4.92 -2.56 -8.62
CA ALA A 155 4.85 -1.15 -8.97
C ALA A 155 5.34 -0.88 -10.39
N LYS A 156 4.88 0.23 -10.97
CA LYS A 156 5.34 0.65 -12.29
C LYS A 156 5.77 2.10 -12.21
N VAL A 157 6.87 2.42 -12.89
CA VAL A 157 7.33 3.80 -13.02
C VAL A 157 6.93 4.31 -14.39
N LEU A 158 6.25 5.45 -14.43
CA LEU A 158 5.66 5.96 -15.67
C LEU A 158 6.68 6.57 -16.62
N SER A 159 6.53 6.27 -17.90
CA SER A 159 7.44 6.75 -18.94
C SER A 159 7.66 8.26 -18.85
N PHE A 170 0.10 -6.83 -15.57
CA PHE A 170 -0.18 -7.62 -14.38
C PHE A 170 -1.52 -7.21 -13.76
N VAL A 171 -2.06 -8.05 -12.88
CA VAL A 171 -3.32 -7.75 -12.22
C VAL A 171 -3.19 -7.91 -10.70
N GLY A 172 -3.57 -6.88 -9.95
CA GLY A 172 -3.43 -6.88 -8.50
C GLY A 172 -4.31 -7.87 -7.76
N THR A 173 -4.75 -7.48 -6.57
CA THR A 173 -5.66 -8.29 -5.75
C THR A 173 -7.10 -8.01 -6.17
N ALA A 174 -7.86 -9.08 -6.40
CA ALA A 174 -9.16 -8.97 -7.06
C ALA A 174 -10.11 -7.89 -6.54
N GLN A 175 -10.22 -7.78 -5.22
CA GLN A 175 -11.19 -6.85 -4.65
C GLN A 175 -10.83 -5.37 -4.83
N TYR A 176 -9.57 -5.09 -5.12
CA TYR A 176 -9.09 -3.71 -5.25
C TYR A 176 -8.69 -3.37 -6.69
N VAL A 177 -9.03 -4.25 -7.63
CA VAL A 177 -8.73 -4.04 -9.04
C VAL A 177 -9.69 -3.01 -9.62
N SER A 178 -9.15 -2.06 -10.39
CA SER A 178 -9.97 -1.02 -10.99
C SER A 178 -10.61 -1.51 -12.29
N PRO A 179 -11.71 -0.86 -12.69
CA PRO A 179 -12.45 -1.29 -13.88
C PRO A 179 -11.57 -1.29 -15.12
N GLU A 180 -10.73 -0.28 -15.28
CA GLU A 180 -9.93 -0.14 -16.49
C GLU A 180 -8.95 -1.30 -16.67
N LEU A 181 -8.46 -1.87 -15.58
CA LEU A 181 -7.62 -3.05 -15.66
C LEU A 181 -8.35 -4.24 -16.28
N LEU A 182 -9.63 -4.39 -15.96
CA LEU A 182 -10.41 -5.52 -16.44
C LEU A 182 -10.87 -5.31 -17.88
N THR A 183 -10.69 -4.10 -18.39
CA THR A 183 -11.26 -3.73 -19.68
C THR A 183 -10.23 -3.19 -20.67
N GLU A 184 -8.98 -3.04 -20.25
CA GLU A 184 -7.96 -2.46 -21.13
C GLU A 184 -6.56 -3.01 -20.91
N LYS A 185 -6.32 -3.64 -19.75
CA LYS A 185 -4.98 -4.08 -19.39
C LYS A 185 -4.04 -2.89 -19.20
N SER A 186 -4.61 -1.72 -18.93
CA SER A 186 -3.83 -0.51 -18.71
C SER A 186 -4.11 0.12 -17.35
N ALA A 187 -3.07 0.62 -16.70
CA ALA A 187 -3.24 1.25 -15.39
C ALA A 187 -2.62 2.64 -15.34
N CYS A 188 -2.99 3.41 -14.33
CA CYS A 188 -2.44 4.74 -14.14
C CYS A 188 -2.58 5.13 -12.66
N LYS A 189 -2.31 6.40 -12.36
CA LYS A 189 -2.43 6.88 -10.99
C LYS A 189 -3.83 6.63 -10.44
N SER A 190 -4.82 6.76 -11.30
CA SER A 190 -6.23 6.62 -10.90
C SER A 190 -6.56 5.21 -10.40
N SER A 191 -5.71 4.24 -10.72
CA SER A 191 -5.92 2.87 -10.26
C SER A 191 -5.70 2.80 -8.75
N ASP A 192 -4.66 3.49 -8.29
CA ASP A 192 -4.40 3.60 -6.86
C ASP A 192 -5.54 4.34 -6.16
N LEU A 193 -6.09 5.36 -6.83
CA LEU A 193 -7.18 6.14 -6.26
C LEU A 193 -8.45 5.32 -6.17
N TRP A 194 -8.67 4.46 -7.17
CA TRP A 194 -9.75 3.51 -7.08
C TRP A 194 -9.52 2.63 -5.85
N ALA A 195 -8.34 2.05 -5.76
CA ALA A 195 -8.00 1.23 -4.60
C ALA A 195 -8.25 1.98 -3.29
N LEU A 196 -7.97 3.27 -3.29
CA LEU A 196 -8.14 4.11 -2.11
C LEU A 196 -9.61 4.18 -1.67
N GLY A 197 -10.51 4.34 -2.63
CA GLY A 197 -11.93 4.35 -2.34
C GLY A 197 -12.36 3.06 -1.70
N CYS A 198 -11.85 1.94 -2.21
CA CYS A 198 -12.14 0.63 -1.62
C CYS A 198 -11.69 0.55 -0.16
N ILE A 199 -10.46 1.00 0.10
CA ILE A 199 -9.89 0.98 1.45
C ILE A 199 -10.65 1.86 2.42
N ILE A 200 -11.02 3.06 1.97
CA ILE A 200 -11.85 3.95 2.77
C ILE A 200 -13.19 3.29 3.11
N TYR A 201 -13.88 2.79 2.09
CA TYR A 201 -15.12 2.07 2.32
C TYR A 201 -14.90 1.00 3.37
N GLN A 202 -13.78 0.27 3.26
CA GLN A 202 -13.47 -0.84 4.14
C GLN A 202 -13.16 -0.42 5.59
N LEU A 203 -12.57 0.76 5.77
CA LEU A 203 -12.32 1.26 7.11
C LEU A 203 -13.63 1.57 7.81
N VAL A 204 -14.57 2.13 7.08
CA VAL A 204 -15.84 2.59 7.65
C VAL A 204 -16.83 1.45 7.81
N ALA A 205 -16.88 0.57 6.82
CA ALA A 205 -17.87 -0.51 6.79
C ALA A 205 -17.37 -1.82 7.40
N GLY A 206 -16.05 -2.03 7.40
CA GLY A 206 -15.49 -3.27 7.92
C GLY A 206 -15.16 -4.29 6.85
N LEU A 207 -15.74 -4.11 5.66
CA LEU A 207 -15.49 -4.99 4.53
C LEU A 207 -15.20 -4.19 3.26
N PRO A 208 -14.60 -4.84 2.25
CA PRO A 208 -14.38 -4.21 0.95
C PRO A 208 -15.70 -4.08 0.19
N PRO A 209 -15.83 -3.06 -0.66
CA PRO A 209 -17.08 -2.74 -1.36
C PRO A 209 -17.57 -3.87 -2.27
N PHE A 210 -16.66 -4.55 -2.94
CA PHE A 210 -17.03 -5.59 -3.90
C PHE A 210 -16.65 -6.98 -3.39
N ARG A 211 -17.64 -7.74 -2.97
CA ARG A 211 -17.43 -9.11 -2.48
C ARG A 211 -18.28 -10.12 -3.25
N ALA A 212 -17.77 -11.33 -3.42
CA ALA A 212 -18.55 -12.38 -4.06
C ALA A 212 -17.89 -13.74 -3.93
N GLY A 213 -18.62 -14.79 -4.34
CA GLY A 213 -18.15 -16.15 -4.23
C GLY A 213 -16.78 -16.44 -4.83
N ASN A 214 -16.44 -15.77 -5.92
CA ASN A 214 -15.16 -16.03 -6.58
C ASN A 214 -14.65 -14.81 -7.33
N GLU A 215 -13.47 -14.93 -7.92
CA GLU A 215 -12.85 -13.79 -8.59
C GLU A 215 -13.65 -13.28 -9.78
N TYR A 216 -14.30 -14.19 -10.49
CA TYR A 216 -15.05 -13.80 -11.68
C TYR A 216 -16.28 -12.98 -11.31
N LEU A 217 -16.94 -13.36 -10.22
CA LEU A 217 -18.14 -12.67 -9.78
C LEU A 217 -17.79 -11.28 -9.25
N ILE A 218 -16.58 -11.15 -8.73
CA ILE A 218 -16.08 -9.90 -8.18
C ILE A 218 -15.80 -8.94 -9.34
N PHE A 219 -15.12 -9.46 -10.35
CA PHE A 219 -14.81 -8.63 -11.51
C PHE A 219 -16.10 -8.14 -12.16
N GLN A 220 -17.13 -8.97 -12.14
CA GLN A 220 -18.42 -8.58 -12.68
C GLN A 220 -18.92 -7.35 -11.97
N LYS A 221 -19.02 -7.43 -10.64
CA LYS A 221 -19.52 -6.33 -9.83
C LYS A 221 -18.75 -5.05 -10.04
N ILE A 222 -17.42 -5.17 -10.06
CA ILE A 222 -16.54 -4.03 -10.27
C ILE A 222 -16.95 -3.22 -11.51
N ILE A 223 -16.94 -3.87 -12.67
CA ILE A 223 -17.25 -3.18 -13.92
C ILE A 223 -18.71 -2.75 -13.99
N LYS A 224 -19.55 -3.35 -13.16
CA LYS A 224 -20.96 -2.98 -13.10
C LYS A 224 -21.15 -1.90 -12.04
N LEU A 225 -20.08 -1.62 -11.31
CA LEU A 225 -20.13 -0.72 -10.16
C LEU A 225 -21.22 -1.15 -9.18
N GLU A 226 -21.26 -2.44 -8.90
CA GLU A 226 -22.32 -3.04 -8.10
C GLU A 226 -21.92 -3.20 -6.63
N TYR A 227 -22.15 -2.15 -5.85
CA TYR A 227 -21.92 -2.19 -4.41
C TYR A 227 -22.83 -1.15 -3.79
N ASP A 228 -22.91 -1.11 -2.46
CA ASP A 228 -23.72 -0.09 -1.82
C ASP A 228 -23.30 0.16 -0.38
N PHE A 229 -23.70 1.30 0.16
CA PHE A 229 -23.28 1.72 1.48
C PHE A 229 -24.22 1.26 2.59
N PRO A 230 -23.66 0.84 3.73
CA PRO A 230 -24.44 0.53 4.93
C PRO A 230 -25.21 1.76 5.39
N GLU A 231 -26.20 1.56 6.24
CA GLU A 231 -27.06 2.66 6.68
C GLU A 231 -26.28 3.73 7.45
N LYS A 232 -25.27 3.29 8.21
CA LYS A 232 -24.59 4.16 9.17
C LYS A 232 -23.34 4.85 8.62
N PHE A 233 -22.98 4.55 7.38
CA PHE A 233 -21.78 5.11 6.75
C PHE A 233 -21.69 6.63 6.89
N PHE A 234 -20.58 7.13 7.43
CA PHE A 234 -20.37 8.56 7.57
C PHE A 234 -20.64 9.27 6.24
N PRO A 235 -21.61 10.20 6.23
CA PRO A 235 -22.08 10.87 5.01
C PRO A 235 -20.97 11.54 4.20
N LYS A 236 -20.07 12.25 4.86
CA LYS A 236 -18.99 12.92 4.15
C LYS A 236 -17.98 11.93 3.58
N ALA A 237 -17.80 10.81 4.27
CA ALA A 237 -16.90 9.76 3.78
C ALA A 237 -17.54 9.05 2.59
N ARG A 238 -18.85 8.88 2.64
CA ARG A 238 -19.57 8.27 1.54
C ARG A 238 -19.44 9.11 0.29
N ASP A 239 -19.59 10.42 0.45
CA ASP A 239 -19.48 11.33 -0.68
C ASP A 239 -18.09 11.23 -1.28
N LEU A 240 -17.07 11.13 -0.43
CA LEU A 240 -15.71 10.99 -0.91
C LEU A 240 -15.52 9.69 -1.69
N VAL A 241 -16.07 8.61 -1.16
CA VAL A 241 -15.97 7.32 -1.82
C VAL A 241 -16.66 7.34 -3.18
N GLU A 242 -17.84 7.94 -3.24
CA GLU A 242 -18.55 8.06 -4.50
C GLU A 242 -17.77 8.88 -5.55
N LYS A 243 -16.84 9.72 -5.10
CA LYS A 243 -16.05 10.50 -6.04
C LYS A 243 -14.74 9.80 -6.40
N LEU A 244 -14.50 8.64 -5.81
CA LEU A 244 -13.32 7.82 -6.13
C LEU A 244 -13.69 6.57 -6.89
N LEU A 245 -14.74 5.88 -6.44
CA LEU A 245 -15.24 4.71 -7.14
C LEU A 245 -16.07 5.13 -8.35
N VAL A 246 -15.39 5.67 -9.34
CA VAL A 246 -16.01 6.15 -10.56
C VAL A 246 -15.41 5.34 -11.70
N LEU A 247 -16.26 4.83 -12.59
CA LEU A 247 -15.80 3.91 -13.62
C LEU A 247 -14.86 4.60 -14.60
N ASP A 248 -15.24 5.79 -15.03
CA ASP A 248 -14.36 6.58 -15.86
C ASP A 248 -13.19 7.06 -15.01
N ALA A 249 -12.02 6.49 -15.24
CA ALA A 249 -10.84 6.82 -14.45
C ALA A 249 -10.39 8.29 -14.54
N THR A 250 -10.93 9.04 -15.50
CA THR A 250 -10.52 10.44 -15.66
C THR A 250 -11.34 11.35 -14.75
N LYS A 251 -12.38 10.79 -14.13
CA LYS A 251 -13.25 11.58 -13.27
C LYS A 251 -13.09 11.24 -11.81
N ARG A 252 -12.01 10.55 -11.46
CA ARG A 252 -11.71 10.20 -10.07
C ARG A 252 -11.03 11.34 -9.33
N LEU A 253 -11.58 11.70 -8.18
CA LEU A 253 -11.00 12.76 -7.37
C LEU A 253 -9.54 12.42 -7.08
N GLY A 254 -8.64 13.33 -7.45
CA GLY A 254 -7.22 13.12 -7.18
C GLY A 254 -6.36 12.95 -8.42
N CYS A 255 -6.96 12.56 -9.53
CA CYS A 255 -6.18 12.33 -10.76
C CYS A 255 -5.97 13.64 -11.53
N GLU A 256 -5.09 13.60 -12.52
CA GLU A 256 -4.66 14.80 -13.23
C GLU A 256 -5.77 15.57 -13.93
N GLU A 257 -6.73 14.86 -14.51
CA GLU A 257 -7.81 15.51 -15.22
C GLU A 257 -8.79 16.19 -14.27
N MET A 258 -8.69 15.85 -13.00
CA MET A 258 -9.50 16.50 -11.97
C MET A 258 -8.66 17.54 -11.22
N GLU A 259 -7.42 17.73 -11.69
CA GLU A 259 -6.51 18.76 -11.17
C GLU A 259 -5.78 18.33 -9.90
N GLY A 260 -5.69 17.02 -9.69
CA GLY A 260 -4.75 16.48 -8.73
C GLY A 260 -5.20 16.45 -7.28
N TYR A 261 -4.23 16.60 -6.38
CA TYR A 261 -4.44 16.33 -4.97
C TYR A 261 -5.04 17.47 -4.19
N GLY A 262 -4.96 18.67 -4.74
CA GLY A 262 -5.55 19.84 -4.11
C GLY A 262 -7.02 19.65 -3.84
N PRO A 263 -7.81 19.41 -4.90
CA PRO A 263 -9.24 19.18 -4.68
C PRO A 263 -9.51 17.99 -3.75
N LEU A 264 -8.79 16.88 -3.92
CA LEU A 264 -8.95 15.72 -3.03
C LEU A 264 -8.69 16.06 -1.54
N LYS A 265 -7.54 16.65 -1.26
CA LYS A 265 -7.21 17.04 0.10
C LYS A 265 -8.19 18.07 0.65
N ALA A 266 -8.90 18.75 -0.24
CA ALA A 266 -9.83 19.81 0.18
C ALA A 266 -11.25 19.31 0.38
N HIS A 267 -11.44 18.00 0.26
CA HIS A 267 -12.77 17.42 0.43
C HIS A 267 -13.26 17.58 1.87
N PRO A 268 -14.55 17.91 2.05
CA PRO A 268 -15.10 18.19 3.38
C PRO A 268 -14.78 17.09 4.38
N PHE A 269 -14.65 15.85 3.92
CA PHE A 269 -14.36 14.76 4.84
C PHE A 269 -13.07 15.01 5.62
N PHE A 270 -12.16 15.78 5.02
CA PHE A 270 -10.85 16.04 5.59
C PHE A 270 -10.78 17.44 6.16
N GLU A 271 -11.93 17.98 6.56
CA GLU A 271 -12.00 19.38 6.98
C GLU A 271 -11.00 19.71 8.06
N SER A 272 -10.93 18.86 9.09
CA SER A 272 -10.10 19.12 10.25
C SER A 272 -8.64 18.66 10.09
N VAL A 273 -8.30 18.11 8.93
CA VAL A 273 -6.95 17.60 8.74
C VAL A 273 -5.92 18.71 8.48
N THR A 274 -4.80 18.63 9.19
CA THR A 274 -3.63 19.46 8.90
C THR A 274 -2.65 18.60 8.09
N TRP A 275 -2.51 18.92 6.81
CA TRP A 275 -1.79 18.05 5.89
C TRP A 275 -0.27 18.09 5.99
N GLU A 276 0.26 19.19 6.53
CA GLU A 276 1.68 19.49 6.43
C GLU A 276 2.61 18.67 7.37
N ASN A 277 2.06 18.14 8.46
CA ASN A 277 2.90 17.40 9.39
C ASN A 277 2.23 16.16 9.99
N LEU A 278 1.42 15.49 9.18
CA LEU A 278 0.71 14.29 9.63
C LEU A 278 1.61 13.33 10.42
N HIS A 279 2.81 13.11 9.91
CA HIS A 279 3.75 12.16 10.48
C HIS A 279 4.23 12.61 11.85
N GLN A 280 4.02 13.87 12.17
CA GLN A 280 4.42 14.43 13.46
C GLN A 280 3.30 14.36 14.50
N GLN A 281 2.09 14.06 14.05
CA GLN A 281 0.93 14.06 14.94
C GLN A 281 0.70 12.72 15.61
N THR A 282 0.03 12.76 16.77
CA THR A 282 -0.27 11.54 17.50
C THR A 282 -1.56 10.94 16.97
N PRO A 283 -1.48 9.70 16.45
CA PRO A 283 -2.65 9.01 15.89
C PRO A 283 -3.71 8.81 16.95
N PRO A 284 -4.98 8.82 16.55
CA PRO A 284 -6.09 8.52 17.47
C PRO A 284 -5.97 7.07 17.94
N LYS A 285 -6.30 6.79 19.19
CA LYS A 285 -6.18 5.44 19.71
C LYS A 285 -7.24 4.53 19.09
N LEU A 286 -6.88 3.29 18.82
CA LEU A 286 -7.80 2.33 18.20
C LEU A 286 -8.48 1.41 19.21
#